data_6EPB
#
_entry.id   6EPB
#
_cell.length_a   68.353
_cell.length_b   68.353
_cell.length_c   178.279
_cell.angle_alpha   90.00
_cell.angle_beta   90.00
_cell.angle_gamma   90.00
#
_symmetry.space_group_name_H-M   'P 41 21 2'
#
loop_
_entity.id
_entity.type
_entity.pdbx_description
1 polymer 'Endochitinase 42'
2 non-polymer 'ZINC ION'
3 non-polymer 1,2-ETHANEDIOL
4 non-polymer 'ACETATE ION'
5 non-polymer IMIDAZOLE
6 water water
#
_entity_poly.entity_id   1
_entity_poly.type   'polypeptide(L)'
_entity_poly.pdbx_seq_one_letter_code
;MLSFLGKSVALLAALQATLSSPKPGHRRASVEKRANGYANSVYFTNWGIYDRNFQPADLVASDVTHVIYSFMNLQADGTV
ISGDTYADYEKHYADDSWNDVGTNAYGCVKQLFKVKKANRGLKVLLSIGGWTWSTNFPSAASTDANRKNFAKTAITFMKD
WGFDGIDIDWEYPADATQASNMILLLKEVRSQLDAYAAQYAPGYHFLLTIAAPAGKDNYSKLRLADLGQVLDYINLMAYD
YAGSFSPLTGHDANLFNNPSNPNATPFNTDSAVKDYINGGVPANKIVLGMPIYGRSFQNTAGIGQTYNGVGSGSWEAGIW
DYKALPKAGATVQYDSVAKGYYSYNSATKELISFDTPDMINTKVAYLKSLGLGGSMFWEASADKKGADSLIGTSHRALGG
LDTTQNLLSYPNSKYDNIKNGLN
;
_entity_poly.pdbx_strand_id   A
#
loop_
_chem_comp.id
_chem_comp.type
_chem_comp.name
_chem_comp.formula
ACT non-polymer 'ACETATE ION' 'C2 H3 O2 -1'
EDO non-polymer 1,2-ETHANEDIOL 'C2 H6 O2'
IMD non-polymer IMIDAZOLE 'C3 H5 N2 1'
ZN non-polymer 'ZINC ION' 'Zn 2'
#
# COMPACT_ATOMS: atom_id res chain seq x y z
N ALA A 35 -6.76 6.76 -13.52
CA ALA A 35 -7.17 6.60 -14.96
C ALA A 35 -7.98 7.81 -15.45
N ASN A 36 -9.15 8.08 -14.87
CA ASN A 36 -9.88 9.35 -15.18
C ASN A 36 -9.84 10.35 -14.02
N GLY A 37 -8.90 10.17 -13.09
CA GLY A 37 -8.77 11.05 -11.93
C GLY A 37 -7.66 10.54 -11.04
N TYR A 38 -7.43 11.21 -9.91
CA TYR A 38 -6.36 10.82 -9.00
C TYR A 38 -6.69 9.53 -8.26
N ALA A 39 -5.67 8.71 -8.04
CA ALA A 39 -5.77 7.58 -7.12
C ALA A 39 -5.78 8.12 -5.70
N ASN A 40 -6.56 7.48 -4.84
CA ASN A 40 -6.47 7.67 -3.40
C ASN A 40 -6.61 6.25 -2.84
N SER A 41 -5.47 5.57 -2.72
CA SER A 41 -5.47 4.15 -2.40
CA SER A 41 -5.43 4.14 -2.41
C SER A 41 -5.02 3.86 -0.98
N VAL A 42 -5.43 2.71 -0.47
CA VAL A 42 -5.06 2.33 0.86
C VAL A 42 -4.79 0.84 0.97
N TYR A 43 -3.77 0.50 1.75
CA TYR A 43 -3.53 -0.88 2.12
C TYR A 43 -4.53 -1.30 3.21
N PHE A 44 -5.14 -2.47 3.02
CA PHE A 44 -5.97 -3.14 4.02
C PHE A 44 -5.25 -4.46 4.33
N THR A 45 -4.85 -4.65 5.59
CA THR A 45 -4.10 -5.84 5.97
C THR A 45 -5.05 -6.90 6.49
N ASN A 46 -4.84 -8.15 6.10
CA ASN A 46 -5.74 -9.21 6.57
C ASN A 46 -5.57 -9.49 8.07
N TRP A 47 -4.41 -9.21 8.65
CA TRP A 47 -4.22 -9.36 10.10
C TRP A 47 -4.85 -8.23 10.91
N GLY A 48 -5.25 -7.14 10.25
CA GLY A 48 -5.97 -6.08 10.95
C GLY A 48 -7.33 -6.49 11.49
N ILE A 49 -7.88 -7.62 11.01
CA ILE A 49 -9.17 -8.13 11.53
C ILE A 49 -9.13 -8.68 12.95
N TYR A 50 -7.92 -8.91 13.48
CA TYR A 50 -7.71 -9.51 14.81
C TYR A 50 -7.63 -8.40 15.88
N ASP A 51 -6.49 -8.18 16.52
CA ASP A 51 -6.41 -7.23 17.64
C ASP A 51 -6.85 -5.82 17.27
N ARG A 52 -6.50 -5.37 16.08
CA ARG A 52 -6.90 -4.05 15.61
C ARG A 52 -8.39 -3.92 15.35
N ASN A 53 -9.09 -5.05 15.16
CA ASN A 53 -10.52 -5.11 14.91
C ASN A 53 -10.96 -4.09 13.85
N PHE A 54 -10.27 -4.13 12.72
CA PHE A 54 -10.63 -3.30 11.59
C PHE A 54 -11.04 -4.20 10.44
N GLN A 55 -12.35 -4.25 10.20
CA GLN A 55 -12.94 -5.14 9.21
C GLN A 55 -13.18 -4.34 7.92
N PRO A 56 -13.42 -5.02 6.79
CA PRO A 56 -13.62 -4.25 5.55
C PRO A 56 -14.80 -3.26 5.60
N ALA A 57 -15.87 -3.61 6.32
CA ALA A 57 -17.02 -2.69 6.51
C ALA A 57 -16.66 -1.41 7.26
N ASP A 58 -15.54 -1.41 7.97
CA ASP A 58 -15.04 -0.24 8.68
C ASP A 58 -14.32 0.76 7.77
N LEU A 59 -14.00 0.36 6.54
CA LEU A 59 -13.37 1.29 5.58
C LEU A 59 -14.38 2.38 5.24
N VAL A 60 -13.92 3.63 5.23
CA VAL A 60 -14.70 4.73 4.69
C VAL A 60 -14.46 4.68 3.18
N ALA A 61 -15.26 3.87 2.51
CA ALA A 61 -15.02 3.49 1.12
C ALA A 61 -15.21 4.62 0.15
N SER A 62 -16.07 5.58 0.49
CA SER A 62 -16.25 6.78 -0.36
C SER A 62 -14.97 7.62 -0.58
N ASP A 63 -13.95 7.48 0.27
CA ASP A 63 -12.68 8.19 0.09
C ASP A 63 -11.62 7.45 -0.74
N VAL A 64 -11.89 6.20 -1.13
CA VAL A 64 -10.86 5.28 -1.62
C VAL A 64 -11.13 4.82 -3.06
N THR A 65 -10.13 4.97 -3.93
CA THR A 65 -10.19 4.45 -5.30
C THR A 65 -9.72 3.02 -5.44
N HIS A 66 -8.76 2.63 -4.61
CA HIS A 66 -8.19 1.29 -4.64
C HIS A 66 -7.93 0.80 -3.21
N VAL A 67 -8.36 -0.42 -2.91
CA VAL A 67 -7.95 -1.12 -1.69
C VAL A 67 -6.94 -2.18 -2.08
N ILE A 68 -5.78 -2.14 -1.45
CA ILE A 68 -4.69 -3.06 -1.73
C ILE A 68 -4.72 -4.08 -0.60
N TYR A 69 -5.23 -5.26 -0.91
CA TYR A 69 -5.49 -6.28 0.10
C TYR A 69 -4.21 -7.09 0.33
N SER A 70 -3.73 -7.07 1.57
CA SER A 70 -2.35 -7.46 1.89
C SER A 70 -2.29 -8.49 3.03
N PHE A 71 -1.42 -9.51 2.98
CA PHE A 71 -0.58 -9.95 1.85
C PHE A 71 -0.81 -11.44 1.58
N MET A 72 -0.60 -11.86 0.34
CA MET A 72 -0.42 -13.26 0.00
C MET A 72 1.06 -13.62 0.16
N ASN A 73 1.31 -14.88 0.51
CA ASN A 73 2.65 -15.41 0.64
C ASN A 73 3.03 -16.06 -0.69
N LEU A 74 4.28 -16.47 -0.79
CA LEU A 74 4.86 -16.96 -2.03
C LEU A 74 5.86 -18.08 -1.73
N GLN A 75 5.84 -19.14 -2.54
CA GLN A 75 6.84 -20.21 -2.42
C GLN A 75 7.95 -20.06 -3.47
N ALA A 76 9.07 -20.75 -3.22
CA ALA A 76 10.25 -20.64 -4.09
C ALA A 76 9.99 -21.06 -5.55
N ASP A 77 9.02 -21.95 -5.76
CA ASP A 77 8.63 -22.41 -7.10
C ASP A 77 7.61 -21.50 -7.80
N GLY A 78 7.38 -20.32 -7.23
CA GLY A 78 6.43 -19.34 -7.78
C GLY A 78 5.01 -19.44 -7.27
N THR A 79 4.71 -20.44 -6.45
CA THR A 79 3.33 -20.65 -6.03
C THR A 79 2.90 -19.53 -5.07
N VAL A 80 1.90 -18.77 -5.46
CA VAL A 80 1.24 -17.81 -4.58
C VAL A 80 0.23 -18.56 -3.71
N ILE A 81 0.21 -18.27 -2.40
CA ILE A 81 -0.69 -18.92 -1.46
C ILE A 81 -1.24 -17.92 -0.46
N SER A 82 -2.39 -18.28 0.12
CA SER A 82 -2.93 -17.51 1.23
C SER A 82 -2.04 -17.70 2.46
N GLY A 83 -1.76 -16.58 3.16
CA GLY A 83 -1.08 -16.61 4.45
C GLY A 83 -2.06 -16.76 5.61
N ASP A 84 -3.36 -16.74 5.31
CA ASP A 84 -4.39 -16.77 6.35
C ASP A 84 -5.75 -17.03 5.70
N THR A 85 -6.09 -18.31 5.58
CA THR A 85 -7.32 -18.70 4.89
C THR A 85 -8.55 -18.28 5.69
N TYR A 86 -8.44 -18.27 7.01
CA TYR A 86 -9.54 -17.76 7.85
C TYR A 86 -9.89 -16.29 7.56
N ALA A 87 -8.90 -15.41 7.66
CA ALA A 87 -9.12 -14.01 7.37
C ALA A 87 -9.58 -13.80 5.92
N ASP A 88 -8.96 -14.52 5.00
CA ASP A 88 -9.21 -14.32 3.57
C ASP A 88 -10.61 -14.74 3.16
N TYR A 89 -11.00 -15.97 3.45
CA TYR A 89 -12.30 -16.44 2.94
C TYR A 89 -13.14 -17.36 3.81
N GLU A 90 -12.72 -17.64 5.03
CA GLU A 90 -13.47 -18.56 5.90
C GLU A 90 -14.26 -17.90 7.02
N LYS A 91 -13.80 -16.78 7.58
CA LYS A 91 -14.51 -16.14 8.69
C LYS A 91 -15.94 -15.78 8.33
N HIS A 92 -16.91 -16.22 9.13
CA HIS A 92 -18.29 -15.79 8.98
C HIS A 92 -18.55 -14.51 9.77
N TYR A 93 -19.00 -13.49 9.05
CA TYR A 93 -19.51 -12.26 9.66
C TYR A 93 -20.99 -12.43 10.04
N ALA A 94 -21.58 -11.39 10.62
CA ALA A 94 -22.92 -11.48 11.21
C ALA A 94 -24.03 -11.92 10.26
N ASP A 95 -23.94 -11.57 8.98
CA ASP A 95 -24.97 -12.02 8.03
CA ASP A 95 -24.93 -11.92 7.95
C ASP A 95 -24.48 -13.11 7.07
N ASP A 96 -23.40 -13.81 7.45
CA ASP A 96 -22.89 -14.93 6.67
C ASP A 96 -23.47 -16.23 7.17
N SER A 97 -24.33 -16.83 6.34
CA SER A 97 -25.08 -18.00 6.74
C SER A 97 -24.22 -19.26 6.85
N TRP A 98 -24.67 -20.09 7.77
CA TRP A 98 -24.07 -21.36 8.16
C TRP A 98 -24.77 -22.46 7.35
N ASN A 99 -25.71 -22.06 6.49
CA ASN A 99 -26.61 -22.96 5.79
C ASN A 99 -26.85 -22.49 4.33
N ASP A 100 -25.83 -21.88 3.71
CA ASP A 100 -25.86 -21.52 2.26
C ASP A 100 -25.62 -22.80 1.45
N VAL A 101 -26.26 -22.93 0.29
CA VAL A 101 -25.92 -24.00 -0.65
C VAL A 101 -24.69 -23.60 -1.49
N GLY A 102 -23.90 -24.60 -1.88
CA GLY A 102 -22.78 -24.42 -2.79
C GLY A 102 -21.46 -24.20 -2.07
N THR A 103 -20.46 -23.83 -2.84
CA THR A 103 -19.14 -23.52 -2.34
C THR A 103 -19.05 -22.00 -2.34
N ASN A 104 -18.83 -21.40 -1.17
CA ASN A 104 -19.00 -19.95 -1.01
C ASN A 104 -17.79 -19.33 -0.30
N ALA A 105 -17.45 -18.10 -0.69
CA ALA A 105 -16.41 -17.32 -0.04
C ALA A 105 -17.01 -16.43 1.07
N TYR A 106 -16.38 -16.41 2.22
CA TYR A 106 -16.75 -15.49 3.28
C TYR A 106 -15.49 -14.67 3.55
N GLY A 107 -15.14 -14.49 4.83
CA GLY A 107 -13.95 -13.73 5.21
C GLY A 107 -13.91 -12.33 4.64
N CYS A 108 -12.72 -11.77 4.50
CA CYS A 108 -12.59 -10.43 3.91
C CYS A 108 -12.95 -10.40 2.43
N VAL A 109 -12.82 -11.52 1.73
CA VAL A 109 -13.20 -11.60 0.31
C VAL A 109 -14.66 -11.21 0.08
N LYS A 110 -15.59 -11.87 0.76
CA LYS A 110 -16.99 -11.48 0.61
C LYS A 110 -17.23 -10.05 1.12
N GLN A 111 -16.63 -9.68 2.24
CA GLN A 111 -16.83 -8.35 2.77
C GLN A 111 -16.37 -7.28 1.78
N LEU A 112 -15.24 -7.53 1.13
CA LEU A 112 -14.72 -6.59 0.13
C LEU A 112 -15.57 -6.58 -1.14
N PHE A 113 -16.18 -7.71 -1.50
CA PHE A 113 -17.06 -7.73 -2.63
C PHE A 113 -18.30 -6.88 -2.35
N LYS A 114 -18.80 -6.94 -1.12
CA LYS A 114 -19.88 -6.04 -0.69
C LYS A 114 -19.50 -4.56 -0.84
N VAL A 115 -18.30 -4.24 -0.40
CA VAL A 115 -17.74 -2.88 -0.57
C VAL A 115 -17.70 -2.49 -2.04
N LYS A 116 -17.25 -3.42 -2.89
CA LYS A 116 -17.19 -3.14 -4.34
C LYS A 116 -18.54 -2.87 -4.98
N LYS A 117 -19.55 -3.62 -4.55
CA LYS A 117 -20.92 -3.42 -5.02
C LYS A 117 -21.45 -2.05 -4.64
N ALA A 118 -21.14 -1.61 -3.44
CA ALA A 118 -21.65 -0.34 -2.90
C ALA A 118 -20.80 0.87 -3.31
N ASN A 119 -19.67 0.61 -3.98
CA ASN A 119 -18.72 1.65 -4.33
C ASN A 119 -18.11 1.26 -5.65
N ARG A 120 -18.81 1.58 -6.74
CA ARG A 120 -18.41 1.10 -8.05
C ARG A 120 -17.09 1.66 -8.56
N GLY A 121 -16.64 2.78 -7.99
CA GLY A 121 -15.33 3.34 -8.30
C GLY A 121 -14.17 2.82 -7.49
N LEU A 122 -14.41 1.80 -6.64
CA LEU A 122 -13.39 1.24 -5.76
C LEU A 122 -12.94 -0.10 -6.30
N LYS A 123 -11.64 -0.20 -6.57
CA LYS A 123 -11.02 -1.43 -7.09
C LYS A 123 -10.26 -2.11 -5.98
N VAL A 124 -10.26 -3.43 -5.97
CA VAL A 124 -9.55 -4.20 -4.93
C VAL A 124 -8.45 -4.98 -5.61
N LEU A 125 -7.22 -4.83 -5.10
CA LEU A 125 -6.06 -5.49 -5.66
C LEU A 125 -5.54 -6.54 -4.70
N LEU A 126 -5.06 -7.64 -5.26
CA LEU A 126 -4.43 -8.72 -4.51
C LEU A 126 -2.95 -8.41 -4.37
N SER A 127 -2.47 -8.14 -3.15
CA SER A 127 -1.07 -7.81 -2.94
C SER A 127 -0.27 -9.03 -2.50
N ILE A 128 0.87 -9.25 -3.15
CA ILE A 128 1.70 -10.42 -2.88
C ILE A 128 3.07 -9.97 -2.40
N GLY A 129 3.49 -10.50 -1.26
CA GLY A 129 4.83 -10.30 -0.77
C GLY A 129 4.88 -9.50 0.50
N GLY A 130 5.53 -8.34 0.43
CA GLY A 130 5.75 -7.49 1.62
C GLY A 130 7.11 -7.74 2.24
N TRP A 131 7.39 -7.04 3.34
CA TRP A 131 8.71 -7.05 3.96
C TRP A 131 9.14 -8.44 4.44
N THR A 132 8.21 -9.17 5.05
CA THR A 132 8.47 -10.50 5.62
C THR A 132 8.53 -11.60 4.58
N TRP A 133 7.67 -11.50 3.56
CA TRP A 133 7.49 -12.59 2.60
C TRP A 133 8.04 -12.27 1.21
N SER A 134 9.20 -11.62 1.14
CA SER A 134 9.86 -11.37 -0.15
C SER A 134 11.05 -12.29 -0.37
N THR A 135 11.39 -13.14 0.60
CA THR A 135 12.58 -13.98 0.44
C THR A 135 12.54 -14.95 -0.75
N ASN A 136 11.33 -15.41 -1.12
CA ASN A 136 11.15 -16.29 -2.28
C ASN A 136 10.92 -15.62 -3.64
N PHE A 137 10.85 -14.30 -3.72
CA PHE A 137 10.69 -13.65 -5.04
C PHE A 137 11.82 -13.96 -6.04
N PRO A 138 13.10 -13.88 -5.59
CA PRO A 138 14.14 -14.15 -6.58
C PRO A 138 13.98 -15.52 -7.25
N SER A 139 13.73 -16.55 -6.45
CA SER A 139 13.48 -17.89 -6.98
C SER A 139 12.21 -17.93 -7.85
N ALA A 140 11.15 -17.31 -7.35
CA ALA A 140 9.86 -17.30 -8.02
C ALA A 140 9.92 -16.64 -9.39
N ALA A 141 10.81 -15.65 -9.57
CA ALA A 141 10.91 -14.92 -10.84
C ALA A 141 11.99 -15.47 -11.78
N SER A 142 12.68 -16.52 -11.35
CA SER A 142 13.98 -16.93 -11.93
C SER A 142 13.90 -17.81 -13.17
N THR A 143 12.75 -18.45 -13.39
CA THR A 143 12.58 -19.30 -14.57
C THR A 143 11.23 -19.05 -15.19
N ASP A 144 11.12 -19.37 -16.47
CA ASP A 144 9.84 -19.25 -17.18
C ASP A 144 8.74 -20.05 -16.48
N ALA A 145 9.06 -21.27 -16.04
CA ALA A 145 8.08 -22.13 -15.37
C ALA A 145 7.57 -21.52 -14.07
N ASN A 146 8.50 -21.00 -13.27
CA ASN A 146 8.15 -20.39 -11.99
C ASN A 146 7.30 -19.13 -12.21
N ARG A 147 7.69 -18.31 -13.16
CA ARG A 147 6.92 -17.10 -13.50
C ARG A 147 5.51 -17.42 -13.98
N LYS A 148 5.38 -18.46 -14.81
CA LYS A 148 4.07 -18.91 -15.26
C LYS A 148 3.20 -19.40 -14.10
N ASN A 149 3.82 -20.14 -13.17
CA ASN A 149 3.14 -20.62 -11.98
C ASN A 149 2.72 -19.48 -11.06
N PHE A 150 3.60 -18.49 -10.90
CA PHE A 150 3.27 -17.28 -10.14
C PHE A 150 2.04 -16.59 -10.72
N ALA A 151 2.07 -16.34 -12.02
CA ALA A 151 0.96 -15.65 -12.68
C ALA A 151 -0.33 -16.43 -12.58
N LYS A 152 -0.28 -17.73 -12.86
CA LYS A 152 -1.50 -18.53 -12.84
C LYS A 152 -2.11 -18.62 -11.46
N THR A 153 -1.27 -18.85 -10.44
CA THR A 153 -1.78 -18.97 -9.06
C THR A 153 -2.32 -17.63 -8.53
N ALA A 154 -1.64 -16.53 -8.83
CA ALA A 154 -2.08 -15.19 -8.40
C ALA A 154 -3.42 -14.83 -9.05
N ILE A 155 -3.48 -15.05 -10.36
CA ILE A 155 -4.70 -14.73 -11.13
C ILE A 155 -5.86 -15.63 -10.71
N THR A 156 -5.58 -16.88 -10.34
CA THR A 156 -6.63 -17.77 -9.81
C THR A 156 -7.31 -17.19 -8.57
N PHE A 157 -6.51 -16.73 -7.60
CA PHE A 157 -7.07 -16.05 -6.42
C PHE A 157 -7.85 -14.80 -6.85
N MET A 158 -7.27 -13.98 -7.72
CA MET A 158 -7.90 -12.72 -8.13
C MET A 158 -9.28 -12.97 -8.69
N LYS A 159 -9.37 -13.89 -9.64
CA LYS A 159 -10.65 -14.20 -10.28
C LYS A 159 -11.63 -14.98 -9.40
N ASP A 160 -11.15 -15.83 -8.50
CA ASP A 160 -12.03 -16.53 -7.57
C ASP A 160 -12.61 -15.58 -6.53
N TRP A 161 -11.79 -14.64 -6.09
CA TRP A 161 -12.15 -13.71 -5.01
C TRP A 161 -12.91 -12.48 -5.50
N GLY A 162 -12.98 -12.26 -6.81
CA GLY A 162 -13.69 -11.10 -7.34
C GLY A 162 -12.91 -9.80 -7.23
N PHE A 163 -11.60 -9.87 -7.47
CA PHE A 163 -10.72 -8.70 -7.36
C PHE A 163 -10.40 -8.08 -8.74
N ASP A 164 -9.87 -6.86 -8.74
CA ASP A 164 -9.64 -6.06 -9.95
C ASP A 164 -8.20 -6.03 -10.47
N GLY A 165 -7.28 -6.66 -9.77
CA GLY A 165 -5.90 -6.63 -10.20
C GLY A 165 -4.98 -7.22 -9.17
N ILE A 166 -3.69 -7.04 -9.42
CA ILE A 166 -2.63 -7.66 -8.65
C ILE A 166 -1.57 -6.60 -8.36
N ASP A 167 -1.11 -6.54 -7.11
CA ASP A 167 -0.04 -5.66 -6.66
C ASP A 167 1.11 -6.54 -6.21
N ILE A 168 2.32 -6.25 -6.70
CA ILE A 168 3.49 -7.06 -6.34
C ILE A 168 4.41 -6.21 -5.48
N ASP A 169 4.65 -6.66 -4.24
N ASP A 169 4.70 -6.72 -4.28
CA ASP A 169 5.52 -5.98 -3.29
CA ASP A 169 5.48 -6.00 -3.31
C ASP A 169 6.75 -6.81 -2.98
C ASP A 169 6.74 -6.79 -2.96
N TRP A 170 7.71 -6.75 -3.88
CA TRP A 170 9.00 -7.44 -3.73
C TRP A 170 9.95 -6.45 -3.10
N GLU A 171 10.32 -6.69 -1.85
CA GLU A 171 11.20 -5.79 -1.09
C GLU A 171 12.51 -6.52 -0.74
N TYR A 172 13.56 -6.43 -1.54
CA TYR A 172 13.67 -5.66 -2.79
C TYR A 172 14.57 -6.39 -3.77
N PRO A 173 14.37 -6.20 -5.09
CA PRO A 173 15.31 -6.80 -6.02
C PRO A 173 16.75 -6.34 -5.68
N ALA A 174 17.67 -7.29 -5.61
CA ALA A 174 18.98 -7.09 -4.98
C ALA A 174 20.12 -6.88 -5.98
N ASP A 175 19.90 -7.21 -7.25
CA ASP A 175 20.91 -7.15 -8.30
C ASP A 175 20.26 -7.10 -9.69
N ALA A 176 21.07 -7.01 -10.73
CA ALA A 176 20.60 -6.96 -12.12
C ALA A 176 19.78 -8.18 -12.56
N THR A 177 20.20 -9.37 -12.15
CA THR A 177 19.47 -10.58 -12.51
C THR A 177 18.04 -10.53 -11.97
N GLN A 178 17.91 -10.20 -10.70
CA GLN A 178 16.60 -10.10 -10.04
C GLN A 178 15.75 -8.97 -10.66
N ALA A 179 16.38 -7.83 -10.92
CA ALA A 179 15.70 -6.69 -11.55
C ALA A 179 15.14 -7.03 -12.92
N SER A 180 15.93 -7.74 -13.72
CA SER A 180 15.50 -8.18 -15.05
C SER A 180 14.39 -9.20 -14.94
N ASN A 181 14.56 -10.14 -14.01
CA ASN A 181 13.56 -11.18 -13.78
C ASN A 181 12.23 -10.63 -13.26
N MET A 182 12.30 -9.56 -12.46
CA MET A 182 11.08 -8.84 -12.05
C MET A 182 10.25 -8.38 -13.25
N ILE A 183 10.92 -7.87 -14.28
CA ILE A 183 10.23 -7.40 -15.48
C ILE A 183 9.65 -8.59 -16.22
N LEU A 184 10.40 -9.67 -16.32
CA LEU A 184 9.87 -10.90 -16.95
C LEU A 184 8.64 -11.42 -16.21
N LEU A 185 8.68 -11.40 -14.88
CA LEU A 185 7.52 -11.78 -14.06
C LEU A 185 6.31 -10.89 -14.32
N LEU A 186 6.52 -9.58 -14.31
CA LEU A 186 5.40 -8.64 -14.55
C LEU A 186 4.80 -8.81 -15.94
N LYS A 187 5.64 -9.06 -16.95
CA LYS A 187 5.15 -9.27 -18.31
C LYS A 187 4.33 -10.53 -18.41
N GLU A 188 4.74 -11.60 -17.73
CA GLU A 188 3.95 -12.82 -17.67
C GLU A 188 2.59 -12.59 -17.01
N VAL A 189 2.57 -11.88 -15.88
CA VAL A 189 1.30 -11.60 -15.21
C VAL A 189 0.40 -10.73 -16.11
N ARG A 190 0.96 -9.70 -16.72
CA ARG A 190 0.20 -8.83 -17.65
C ARG A 190 -0.39 -9.66 -18.81
N SER A 191 0.43 -10.52 -19.41
CA SER A 191 -0.04 -11.38 -20.50
C SER A 191 -1.20 -12.28 -20.09
N GLN A 192 -1.04 -12.94 -18.95
CA GLN A 192 -2.06 -13.86 -18.44
C GLN A 192 -3.33 -13.14 -18.00
N LEU A 193 -3.18 -11.93 -17.47
CA LEU A 193 -4.35 -11.11 -17.11
C LEU A 193 -5.16 -10.76 -18.34
N ASP A 194 -4.48 -10.35 -19.39
CA ASP A 194 -5.15 -9.99 -20.63
C ASP A 194 -5.86 -11.17 -21.29
N ALA A 195 -5.25 -12.36 -21.21
CA ALA A 195 -5.86 -13.60 -21.72
C ALA A 195 -7.06 -14.02 -20.89
N TYR A 196 -6.94 -13.84 -19.58
CA TYR A 196 -8.05 -14.14 -18.69
C TYR A 196 -9.25 -13.23 -19.03
N ALA A 197 -8.99 -11.93 -19.18
CA ALA A 197 -10.05 -10.95 -19.49
C ALA A 197 -10.71 -11.25 -20.84
N ALA A 198 -9.92 -11.62 -21.83
CA ALA A 198 -10.47 -11.94 -23.16
C ALA A 198 -11.49 -13.07 -23.12
N GLN A 199 -11.33 -14.01 -22.20
CA GLN A 199 -12.27 -15.11 -22.07
C GLN A 199 -13.42 -14.81 -21.11
N TYR A 200 -13.12 -14.20 -19.96
CA TYR A 200 -14.08 -14.12 -18.83
C TYR A 200 -14.46 -12.72 -18.34
N ALA A 201 -13.84 -11.68 -18.89
CA ALA A 201 -14.22 -10.28 -18.62
C ALA A 201 -13.85 -9.40 -19.82
N PRO A 202 -14.48 -9.67 -20.99
CA PRO A 202 -14.02 -8.97 -22.19
C PRO A 202 -14.11 -7.45 -22.08
N GLY A 203 -13.01 -6.77 -22.45
CA GLY A 203 -12.95 -5.32 -22.36
C GLY A 203 -12.53 -4.76 -21.02
N TYR A 204 -12.49 -5.59 -19.97
CA TYR A 204 -12.04 -5.11 -18.66
C TYR A 204 -10.53 -5.14 -18.59
N HIS A 205 -9.95 -4.06 -18.04
CA HIS A 205 -8.53 -3.97 -17.86
C HIS A 205 -8.18 -4.22 -16.40
N PHE A 206 -7.69 -5.44 -16.14
CA PHE A 206 -7.20 -5.76 -14.79
C PHE A 206 -5.93 -4.97 -14.54
N LEU A 207 -5.81 -4.47 -13.32
CA LEU A 207 -4.69 -3.61 -12.95
C LEU A 207 -3.49 -4.42 -12.49
N LEU A 208 -2.30 -3.89 -12.76
CA LEU A 208 -1.04 -4.48 -12.30
C LEU A 208 -0.17 -3.38 -11.72
N THR A 209 0.18 -3.51 -10.44
CA THR A 209 0.89 -2.46 -9.70
C THR A 209 2.04 -3.03 -8.90
N ILE A 210 2.92 -2.17 -8.41
CA ILE A 210 3.93 -2.54 -7.43
C ILE A 210 4.01 -1.53 -6.33
N ALA A 211 4.54 -1.97 -5.20
CA ALA A 211 5.06 -1.06 -4.20
C ALA A 211 6.56 -0.91 -4.49
N ALA A 212 7.06 0.31 -4.48
CA ALA A 212 8.41 0.62 -4.95
C ALA A 212 9.27 1.34 -3.89
N PRO A 213 10.57 1.07 -3.87
CA PRO A 213 11.46 1.67 -2.86
C PRO A 213 11.78 3.13 -3.13
N ALA A 214 11.85 3.92 -2.06
CA ALA A 214 12.25 5.33 -2.14
C ALA A 214 13.74 5.56 -1.86
N GLY A 215 14.45 4.54 -1.39
CA GLY A 215 15.89 4.59 -1.17
C GLY A 215 16.69 4.30 -2.42
N LYS A 216 17.65 5.15 -2.75
CA LYS A 216 18.40 5.03 -4.01
C LYS A 216 19.22 3.73 -4.09
N ASP A 217 19.69 3.23 -2.96
CA ASP A 217 20.40 1.95 -2.91
C ASP A 217 19.55 0.82 -3.49
N ASN A 218 18.25 0.92 -3.32
CA ASN A 218 17.32 -0.07 -3.89
C ASN A 218 16.84 0.29 -5.27
N TYR A 219 16.33 1.51 -5.46
CA TYR A 219 15.72 1.85 -6.74
C TYR A 219 16.71 1.96 -7.89
N SER A 220 17.99 2.22 -7.60
CA SER A 220 19.01 2.23 -8.66
C SER A 220 19.23 0.87 -9.32
N LYS A 221 18.79 -0.21 -8.67
CA LYS A 221 18.88 -1.55 -9.24
C LYS A 221 17.72 -1.90 -10.18
N LEU A 222 16.60 -1.16 -10.06
CA LEU A 222 15.38 -1.50 -10.80
C LEU A 222 15.48 -1.13 -12.27
N ARG A 223 14.73 -1.86 -13.08
CA ARG A 223 14.55 -1.53 -14.47
C ARG A 223 13.44 -0.52 -14.60
N LEU A 224 13.75 0.74 -14.30
CA LEU A 224 12.73 1.78 -14.19
C LEU A 224 11.91 1.99 -15.46
N ALA A 225 12.59 2.10 -16.60
CA ALA A 225 11.88 2.31 -17.86
C ALA A 225 10.92 1.15 -18.14
N ASP A 226 11.36 -0.09 -17.92
CA ASP A 226 10.49 -1.27 -18.11
C ASP A 226 9.29 -1.22 -17.19
N LEU A 227 9.50 -0.85 -15.92
CA LEU A 227 8.39 -0.73 -14.97
C LEU A 227 7.37 0.30 -15.43
N GLY A 228 7.86 1.43 -15.93
CA GLY A 228 7.03 2.49 -16.49
C GLY A 228 6.14 2.05 -17.64
N GLN A 229 6.64 1.12 -18.45
CA GLN A 229 5.90 0.59 -19.58
C GLN A 229 4.87 -0.48 -19.20
N VAL A 230 5.26 -1.42 -18.34
CA VAL A 230 4.43 -2.62 -18.07
C VAL A 230 3.32 -2.39 -17.02
N LEU A 231 3.48 -1.43 -16.12
CA LEU A 231 2.59 -1.28 -14.97
C LEU A 231 1.55 -0.21 -15.14
N ASP A 232 0.45 -0.36 -14.42
CA ASP A 232 -0.55 0.69 -14.29
C ASP A 232 -0.13 1.74 -13.28
N TYR A 233 0.37 1.31 -12.12
CA TYR A 233 0.80 2.22 -11.06
C TYR A 233 2.04 1.71 -10.37
N ILE A 234 2.85 2.65 -9.93
CA ILE A 234 3.98 2.42 -9.07
C ILE A 234 3.65 3.16 -7.77
N ASN A 235 3.44 2.42 -6.70
CA ASN A 235 3.13 3.01 -5.40
C ASN A 235 4.46 3.25 -4.67
N LEU A 236 4.91 4.52 -4.62
CA LEU A 236 6.20 4.85 -4.03
C LEU A 236 6.11 4.81 -2.50
N MET A 237 6.92 3.96 -1.87
CA MET A 237 6.91 3.83 -0.41
C MET A 237 7.75 4.95 0.20
N ALA A 238 7.16 6.14 0.20
CA ALA A 238 7.88 7.35 0.59
C ALA A 238 7.76 7.52 2.11
N TYR A 239 8.28 6.54 2.83
CA TYR A 239 8.21 6.52 4.29
C TYR A 239 9.21 5.50 4.82
N ASP A 240 9.26 5.31 6.14
CA ASP A 240 10.29 4.48 6.80
C ASP A 240 11.72 4.98 6.56
N TYR A 241 11.86 6.30 6.50
CA TYR A 241 13.16 6.92 6.28
C TYR A 241 14.04 6.88 7.53
N ALA A 242 13.40 6.88 8.70
CA ALA A 242 14.12 6.88 9.97
C ALA A 242 13.35 6.12 11.07
N GLY A 243 14.08 5.39 11.89
CA GLY A 243 13.48 4.65 13.02
C GLY A 243 14.55 4.08 13.91
N SER A 244 14.30 2.90 14.48
CA SER A 244 15.31 2.18 15.32
C SER A 244 16.58 1.80 14.55
N PHE A 245 16.48 1.66 13.24
CA PHE A 245 17.64 1.44 12.35
C PHE A 245 18.53 2.68 12.09
N SER A 246 18.11 3.86 12.55
CA SER A 246 18.86 5.13 12.29
C SER A 246 19.67 5.53 13.53
N PRO A 247 20.91 6.08 13.33
CA PRO A 247 21.70 6.59 14.48
C PRO A 247 21.16 7.83 15.21
N LEU A 248 20.29 8.61 14.58
CA LEU A 248 19.71 9.81 15.18
C LEU A 248 18.22 9.88 14.87
N THR A 249 17.49 10.72 15.60
CA THR A 249 16.07 10.97 15.28
C THR A 249 15.97 11.62 13.89
N GLY A 250 15.02 11.15 13.09
CA GLY A 250 14.84 11.66 11.74
C GLY A 250 13.39 11.72 11.36
N HIS A 251 13.10 12.52 10.35
CA HIS A 251 11.79 12.57 9.75
C HIS A 251 11.56 11.25 9.03
N ASP A 252 10.37 10.69 9.18
CA ASP A 252 10.05 9.38 8.59
C ASP A 252 9.66 9.46 7.11
N ALA A 253 9.10 10.59 6.68
CA ALA A 253 8.48 10.69 5.37
C ALA A 253 8.54 12.10 4.79
N ASN A 254 9.63 12.81 5.07
CA ASN A 254 9.80 14.20 4.61
C ASN A 254 9.92 14.32 3.09
N LEU A 255 9.52 15.48 2.56
CA LEU A 255 9.59 15.77 1.12
C LEU A 255 11.00 16.12 0.65
N PHE A 256 11.68 16.96 1.42
CA PHE A 256 12.95 17.55 0.99
C PHE A 256 14.05 17.38 2.02
N ASN A 257 15.28 17.46 1.53
CA ASN A 257 16.47 17.52 2.35
C ASN A 257 16.45 18.80 3.17
N ASN A 258 17.05 18.76 4.36
CA ASN A 258 17.22 19.95 5.19
C ASN A 258 18.71 20.19 5.30
N PRO A 259 19.28 21.10 4.49
CA PRO A 259 20.73 21.28 4.54
C PRO A 259 21.24 21.92 5.85
N SER A 260 20.38 22.67 6.55
CA SER A 260 20.74 23.24 7.86
C SER A 260 20.55 22.27 9.04
N ASN A 261 19.98 21.09 8.79
CA ASN A 261 19.90 20.02 9.78
C ASN A 261 19.76 18.67 9.02
N PRO A 262 20.84 18.23 8.33
CA PRO A 262 20.76 17.06 7.44
C PRO A 262 20.64 15.72 8.14
N ASN A 263 21.00 15.64 9.42
CA ASN A 263 20.78 14.42 10.21
C ASN A 263 19.29 14.14 10.41
N ALA A 264 18.46 15.19 10.35
CA ALA A 264 17.01 15.04 10.42
C ALA A 264 16.42 14.45 9.13
N THR A 265 17.16 14.54 8.01
CA THR A 265 16.67 14.07 6.71
C THR A 265 17.67 13.14 6.05
N PRO A 266 17.81 11.90 6.59
CA PRO A 266 18.64 10.90 5.92
C PRO A 266 18.14 10.54 4.51
N PHE A 267 16.83 10.65 4.28
CA PHE A 267 16.26 10.51 2.94
C PHE A 267 15.32 11.65 2.65
N ASN A 268 14.93 11.77 1.39
CA ASN A 268 13.86 12.69 1.02
C ASN A 268 13.12 12.16 -0.18
N THR A 269 11.83 12.44 -0.23
CA THR A 269 10.96 11.93 -1.29
C THR A 269 11.28 12.54 -2.64
N ASP A 270 11.58 13.84 -2.66
CA ASP A 270 11.74 14.57 -3.92
C ASP A 270 12.84 14.00 -4.82
N SER A 271 13.98 13.63 -4.24
CA SER A 271 15.06 13.03 -5.03
C SER A 271 14.64 11.68 -5.66
N ALA A 272 13.85 10.90 -4.92
CA ALA A 272 13.34 9.62 -5.44
C ALA A 272 12.34 9.85 -6.57
N VAL A 273 11.37 10.74 -6.36
CA VAL A 273 10.36 11.03 -7.38
C VAL A 273 11.03 11.47 -8.70
N LYS A 274 11.96 12.42 -8.62
CA LYS A 274 12.65 12.89 -9.82
C LYS A 274 13.45 11.75 -10.50
N ASP A 275 14.15 10.94 -9.72
CA ASP A 275 14.87 9.78 -10.29
C ASP A 275 13.95 8.73 -10.98
N TYR A 276 12.76 8.48 -10.41
CA TYR A 276 11.79 7.55 -11.03
C TYR A 276 11.29 8.11 -12.37
N ILE A 277 10.93 9.39 -12.38
CA ILE A 277 10.39 10.00 -13.58
C ILE A 277 11.46 10.08 -14.66
N ASN A 278 12.62 10.60 -14.30
CA ASN A 278 13.69 10.75 -15.28
C ASN A 278 14.23 9.40 -15.75
N GLY A 279 14.09 8.35 -14.92
CA GLY A 279 14.44 6.99 -15.30
C GLY A 279 13.46 6.28 -16.22
N GLY A 280 12.29 6.88 -16.42
CA GLY A 280 11.32 6.37 -17.38
C GLY A 280 9.97 5.94 -16.83
N VAL A 281 9.70 6.18 -15.55
CA VAL A 281 8.34 5.95 -15.02
C VAL A 281 7.51 7.22 -15.23
N PRO A 282 6.48 7.17 -16.09
CA PRO A 282 5.64 8.35 -16.32
C PRO A 282 5.10 8.88 -14.99
N ALA A 283 5.19 10.19 -14.78
CA ALA A 283 4.74 10.81 -13.53
C ALA A 283 3.33 10.37 -13.14
N ASN A 284 2.42 10.29 -14.11
CA ASN A 284 1.01 9.96 -13.83
C ASN A 284 0.76 8.55 -13.33
N LYS A 285 1.76 7.68 -13.42
CA LYS A 285 1.70 6.32 -12.85
C LYS A 285 2.28 6.24 -11.43
N ILE A 286 2.95 7.29 -10.95
CA ILE A 286 3.53 7.28 -9.61
C ILE A 286 2.48 7.70 -8.59
N VAL A 287 2.26 6.87 -7.60
CA VAL A 287 1.33 7.18 -6.53
C VAL A 287 2.16 7.37 -5.28
N LEU A 288 1.98 8.51 -4.63
CA LEU A 288 2.85 8.91 -3.53
C LEU A 288 2.36 8.30 -2.23
N GLY A 289 3.12 7.33 -1.70
CA GLY A 289 2.78 6.67 -0.46
C GLY A 289 2.96 7.63 0.71
N MET A 290 2.08 7.49 1.70
CA MET A 290 2.07 8.34 2.90
C MET A 290 1.75 7.44 4.09
N PRO A 291 2.40 7.69 5.24
CA PRO A 291 2.21 6.86 6.42
C PRO A 291 1.02 7.29 7.31
N ILE A 292 0.25 6.31 7.77
CA ILE A 292 -0.82 6.54 8.77
C ILE A 292 -0.28 5.95 10.09
N TYR A 293 0.96 6.30 10.39
CA TYR A 293 1.60 5.86 11.62
C TYR A 293 2.77 6.78 11.89
N GLY A 294 3.17 6.84 13.14
CA GLY A 294 4.38 7.53 13.53
C GLY A 294 5.47 6.59 13.99
N ARG A 295 6.72 7.02 13.85
CA ARG A 295 7.84 6.29 14.45
C ARG A 295 8.32 7.12 15.64
N SER A 296 8.45 6.46 16.79
CA SER A 296 8.76 7.13 18.05
C SER A 296 10.24 7.07 18.36
N PHE A 297 10.72 8.14 19.00
CA PHE A 297 12.08 8.26 19.47
C PHE A 297 12.04 8.74 20.91
N GLN A 298 12.80 8.04 21.76
CA GLN A 298 12.76 8.22 23.22
C GLN A 298 13.97 9.00 23.68
N ASN A 299 13.82 9.75 24.78
CA ASN A 299 14.97 10.37 25.46
C ASN A 299 15.80 11.21 24.48
N THR A 300 15.20 12.28 23.97
CA THR A 300 15.80 13.11 22.93
C THR A 300 15.40 14.58 23.07
N ALA A 301 16.24 15.46 22.50
CA ALA A 301 16.01 16.91 22.52
C ALA A 301 15.18 17.40 21.35
N GLY A 302 15.15 16.64 20.25
CA GLY A 302 14.43 17.09 19.07
C GLY A 302 14.86 16.36 17.81
N ILE A 303 14.42 16.91 16.68
CA ILE A 303 14.64 16.26 15.39
C ILE A 303 16.09 16.42 14.96
N GLY A 304 16.68 15.32 14.47
CA GLY A 304 18.07 15.29 14.04
C GLY A 304 19.07 14.98 15.14
N GLN A 305 18.57 14.59 16.31
CA GLN A 305 19.37 14.55 17.54
C GLN A 305 19.59 13.12 18.01
N THR A 306 20.42 13.01 19.04
CA THR A 306 20.68 11.72 19.70
C THR A 306 19.41 11.21 20.41
N TYR A 307 19.34 9.90 20.61
CA TYR A 307 18.19 9.25 21.27
C TYR A 307 18.59 7.88 21.81
N ASN A 308 17.80 7.35 22.76
CA ASN A 308 18.18 6.09 23.44
C ASN A 308 17.51 4.85 22.84
N GLY A 309 16.18 4.81 22.86
CA GLY A 309 15.42 3.72 22.22
C GLY A 309 14.22 4.26 21.48
N VAL A 310 13.44 3.35 20.90
CA VAL A 310 12.16 3.69 20.23
C VAL A 310 10.96 3.42 21.14
N GLY A 311 11.14 2.50 22.09
CA GLY A 311 10.20 2.31 23.18
C GLY A 311 9.07 1.40 22.76
N SER A 312 7.90 1.67 23.34
CA SER A 312 6.70 0.91 23.05
C SER A 312 6.10 1.35 21.70
N GLY A 313 4.97 0.76 21.37
CA GLY A 313 4.21 1.12 20.18
C GLY A 313 2.74 0.81 20.41
N SER A 314 1.92 1.05 19.40
CA SER A 314 0.50 0.71 19.48
C SER A 314 0.35 -0.81 19.48
N TRP A 315 0.95 -1.45 18.48
CA TRP A 315 0.92 -2.91 18.31
C TRP A 315 2.29 -3.54 18.12
N GLU A 316 3.29 -2.77 17.69
CA GLU A 316 4.65 -3.27 17.53
C GLU A 316 5.63 -2.16 17.90
N ALA A 317 6.80 -2.57 18.38
CA ALA A 317 7.79 -1.66 18.97
C ALA A 317 8.13 -0.50 18.05
N GLY A 318 8.12 0.72 18.58
CA GLY A 318 8.54 1.92 17.84
C GLY A 318 7.51 2.54 16.89
N ILE A 319 6.35 1.91 16.74
CA ILE A 319 5.36 2.31 15.73
C ILE A 319 4.03 2.62 16.41
N TRP A 320 3.47 3.79 16.10
CA TRP A 320 2.24 4.27 16.69
C TRP A 320 1.20 4.56 15.63
N ASP A 321 -0.01 4.02 15.81
CA ASP A 321 -1.15 4.35 14.96
C ASP A 321 -1.35 5.85 14.93
N TYR A 322 -1.56 6.43 13.75
CA TYR A 322 -1.93 7.84 13.64
C TYR A 322 -3.11 8.23 14.54
N LYS A 323 -4.11 7.35 14.67
CA LYS A 323 -5.27 7.68 15.50
C LYS A 323 -4.97 7.81 17.02
N ALA A 324 -3.78 7.40 17.45
CA ALA A 324 -3.30 7.61 18.82
C ALA A 324 -2.46 8.88 18.99
N LEU A 325 -2.29 9.67 17.91
CA LEU A 325 -1.36 10.79 17.88
C LEU A 325 -2.07 12.12 17.58
N PRO A 326 -1.54 13.25 18.06
CA PRO A 326 -0.49 13.29 19.06
C PRO A 326 -1.02 12.79 20.41
N LYS A 327 -0.12 12.22 21.20
CA LYS A 327 -0.45 11.72 22.53
C LYS A 327 -0.75 12.88 23.48
N ALA A 328 -1.31 12.55 24.63
CA ALA A 328 -1.59 13.54 25.69
C ALA A 328 -0.33 14.26 26.13
N GLY A 329 -0.42 15.59 26.25
CA GLY A 329 0.70 16.41 26.70
C GLY A 329 1.80 16.68 25.68
N ALA A 330 1.56 16.33 24.41
CA ALA A 330 2.53 16.56 23.34
C ALA A 330 1.97 17.60 22.38
N THR A 331 2.86 18.45 21.84
CA THR A 331 2.51 19.49 20.89
C THR A 331 3.21 19.19 19.56
N VAL A 332 2.51 19.47 18.47
CA VAL A 332 3.03 19.17 17.13
C VAL A 332 3.90 20.33 16.66
N GLN A 333 5.15 20.05 16.32
CA GLN A 333 6.06 21.02 15.70
C GLN A 333 6.25 20.69 14.22
N TYR A 334 6.81 21.65 13.47
CA TYR A 334 6.94 21.53 12.01
C TYR A 334 8.29 22.01 11.51
N ASP A 335 9.01 21.13 10.82
CA ASP A 335 10.21 21.49 10.09
C ASP A 335 9.77 21.93 8.70
N SER A 336 9.76 23.23 8.45
CA SER A 336 9.22 23.80 7.21
C SER A 336 10.20 23.72 6.02
N VAL A 337 11.43 23.28 6.24
CA VAL A 337 12.39 23.04 5.16
C VAL A 337 12.26 21.59 4.65
N ALA A 338 12.39 20.64 5.58
CA ALA A 338 12.17 19.21 5.27
C ALA A 338 10.73 18.92 4.86
N LYS A 339 9.79 19.66 5.47
CA LYS A 339 8.36 19.46 5.36
C LYS A 339 8.03 18.13 6.03
N GLY A 340 8.06 18.18 7.35
CA GLY A 340 7.78 17.02 8.19
C GLY A 340 7.41 17.48 9.60
N TYR A 341 6.34 16.91 10.13
CA TYR A 341 5.86 17.21 11.48
C TYR A 341 6.31 16.14 12.46
N TYR A 342 6.30 16.53 13.73
CA TYR A 342 6.57 15.60 14.79
C TYR A 342 5.95 16.13 16.08
N SER A 343 5.31 15.25 16.84
CA SER A 343 4.88 15.54 18.21
C SER A 343 6.11 15.68 19.07
N TYR A 344 6.08 16.62 20.03
CA TYR A 344 7.09 16.64 21.08
C TYR A 344 6.43 16.83 22.44
N ASN A 345 6.92 16.05 23.41
CA ASN A 345 6.47 16.13 24.80
C ASN A 345 7.68 16.52 25.63
N SER A 346 7.66 17.77 26.10
CA SER A 346 8.75 18.38 26.85
C SER A 346 9.04 17.69 28.19
N ALA A 347 8.04 17.00 28.75
CA ALA A 347 8.17 16.30 30.04
C ALA A 347 8.79 14.90 29.93
N THR A 348 8.39 14.11 28.93
CA THR A 348 8.89 12.73 28.78
C THR A 348 10.07 12.59 27.81
N LYS A 349 10.29 13.61 26.98
CA LYS A 349 11.31 13.57 25.93
C LYS A 349 11.02 12.50 24.86
N GLU A 350 9.74 12.37 24.49
N GLU A 350 9.74 12.29 24.51
CA GLU A 350 9.34 11.52 23.38
CA GLU A 350 9.42 11.44 23.36
C GLU A 350 9.08 12.38 22.15
C GLU A 350 9.05 12.30 22.16
N LEU A 351 9.69 12.01 21.03
CA LEU A 351 9.45 12.68 19.75
C LEU A 351 8.87 11.61 18.83
N ILE A 352 7.76 11.93 18.17
CA ILE A 352 7.16 10.99 17.23
C ILE A 352 6.99 11.70 15.90
N SER A 353 7.62 11.13 14.86
CA SER A 353 7.52 11.62 13.49
C SER A 353 6.32 10.96 12.84
N PHE A 354 5.36 11.76 12.38
CA PHE A 354 4.10 11.27 11.81
C PHE A 354 3.50 12.33 10.89
N ASP A 355 2.61 11.91 9.99
CA ASP A 355 1.90 12.84 9.10
C ASP A 355 0.59 13.32 9.73
N THR A 356 0.35 14.63 9.62
CA THR A 356 -0.87 15.30 10.04
C THR A 356 -1.71 15.66 8.82
N PRO A 357 -2.99 16.07 9.02
CA PRO A 357 -3.80 16.56 7.90
C PRO A 357 -3.13 17.69 7.11
N ASP A 358 -2.47 18.63 7.80
CA ASP A 358 -1.70 19.68 7.10
C ASP A 358 -0.56 19.10 6.25
N MET A 359 0.17 18.10 6.75
CA MET A 359 1.20 17.42 5.96
C MET A 359 0.62 16.82 4.69
N ILE A 360 -0.55 16.21 4.79
CA ILE A 360 -1.22 15.60 3.63
C ILE A 360 -1.59 16.67 2.60
N ASN A 361 -2.13 17.80 3.05
CA ASN A 361 -2.42 18.91 2.13
C ASN A 361 -1.16 19.37 1.38
N THR A 362 -0.06 19.48 2.10
CA THR A 362 1.20 19.87 1.50
C THR A 362 1.74 18.82 0.51
N LYS A 363 1.64 17.55 0.88
CA LYS A 363 2.06 16.45 -0.01
C LYS A 363 1.18 16.35 -1.26
N VAL A 364 -0.11 16.64 -1.12
CA VAL A 364 -1.01 16.65 -2.27
C VAL A 364 -0.70 17.81 -3.22
N ALA A 365 -0.47 18.99 -2.66
CA ALA A 365 0.01 20.13 -3.45
C ALA A 365 1.28 19.76 -4.23
N TYR A 366 2.24 19.15 -3.53
CA TYR A 366 3.48 18.68 -4.11
C TYR A 366 3.23 17.70 -5.28
N LEU A 367 2.46 16.63 -5.03
CA LEU A 367 2.27 15.59 -6.06
C LEU A 367 1.55 16.15 -7.30
N LYS A 368 0.57 17.03 -7.08
CA LYS A 368 -0.14 17.67 -8.18
C LYS A 368 0.80 18.54 -9.02
N SER A 369 1.71 19.24 -8.36
CA SER A 369 2.70 20.09 -9.03
C SER A 369 3.67 19.30 -9.93
N LEU A 370 3.91 18.03 -9.60
CA LEU A 370 4.73 17.15 -10.45
C LEU A 370 3.95 16.20 -11.36
N GLY A 371 2.63 16.35 -11.43
CA GLY A 371 1.79 15.55 -12.30
C GLY A 371 1.71 14.09 -11.88
N LEU A 372 1.82 13.81 -10.58
CA LEU A 372 1.78 12.42 -10.10
C LEU A 372 0.35 11.88 -10.15
N GLY A 373 0.22 10.57 -9.93
CA GLY A 373 -1.05 9.88 -10.14
C GLY A 373 -2.02 9.92 -8.96
N GLY A 374 -1.53 10.29 -7.80
CA GLY A 374 -2.37 10.36 -6.60
C GLY A 374 -1.60 10.02 -5.33
N SER A 375 -2.37 9.60 -4.33
CA SER A 375 -1.89 9.28 -2.98
C SER A 375 -2.15 7.81 -2.68
N MET A 376 -1.26 7.22 -1.90
CA MET A 376 -1.40 5.86 -1.36
C MET A 376 -1.11 5.94 0.13
N PHE A 377 -1.76 5.07 0.92
CA PHE A 377 -1.61 5.07 2.37
C PHE A 377 -1.35 3.67 2.94
N TRP A 378 -0.38 3.59 3.85
CA TRP A 378 -0.18 2.43 4.72
C TRP A 378 -0.47 2.87 6.16
N GLU A 379 -1.51 2.36 6.84
CA GLU A 379 -2.59 1.47 6.32
C GLU A 379 -3.90 1.90 6.94
N ALA A 380 -5.02 1.34 6.47
CA ALA A 380 -6.36 1.87 6.78
C ALA A 380 -6.75 1.88 8.27
N SER A 381 -6.38 0.84 9.02
CA SER A 381 -6.91 0.68 10.39
C SER A 381 -6.52 1.81 11.33
N ALA A 382 -5.38 2.45 11.06
CA ALA A 382 -4.80 3.46 11.96
C ALA A 382 -5.32 4.89 11.74
N ASP A 383 -6.16 5.11 10.74
CA ASP A 383 -6.61 6.46 10.42
C ASP A 383 -7.69 6.93 11.38
N LYS A 384 -7.73 8.24 11.60
CA LYS A 384 -8.84 8.87 12.30
C LYS A 384 -10.04 8.94 11.40
N LYS A 385 -11.21 9.17 12.01
CA LYS A 385 -12.46 9.38 11.27
C LYS A 385 -12.83 10.86 11.32
N GLY A 386 -13.53 11.32 10.27
CA GLY A 386 -14.02 12.69 10.18
C GLY A 386 -13.01 13.64 9.59
N ALA A 387 -13.06 14.90 10.02
CA ALA A 387 -12.20 15.96 9.47
C ALA A 387 -10.70 15.63 9.52
N ASP A 388 -10.23 14.96 10.58
CA ASP A 388 -8.82 14.63 10.75
C ASP A 388 -8.37 13.32 10.07
N SER A 389 -9.24 12.68 9.29
CA SER A 389 -8.85 11.51 8.47
C SER A 389 -7.79 11.96 7.45
N LEU A 390 -6.62 11.32 7.48
CA LEU A 390 -5.60 11.57 6.45
C LEU A 390 -6.11 11.19 5.06
N ILE A 391 -6.79 10.05 4.97
CA ILE A 391 -7.29 9.59 3.68
C ILE A 391 -8.40 10.54 3.16
N GLY A 392 -9.28 10.96 4.05
CA GLY A 392 -10.33 11.96 3.71
C GLY A 392 -9.74 13.33 3.39
N THR A 393 -8.70 13.73 4.13
CA THR A 393 -7.98 14.98 3.82
C THR A 393 -7.40 14.93 2.42
N SER A 394 -6.78 13.80 2.09
CA SER A 394 -6.23 13.58 0.74
C SER A 394 -7.32 13.65 -0.34
N HIS A 395 -8.46 12.98 -0.12
CA HIS A 395 -9.59 13.01 -1.06
C HIS A 395 -10.00 14.45 -1.38
N ARG A 396 -10.19 15.24 -0.34
CA ARG A 396 -10.60 16.65 -0.49
C ARG A 396 -9.53 17.50 -1.20
N ALA A 397 -8.25 17.27 -0.88
CA ALA A 397 -7.14 18.04 -1.48
C ALA A 397 -6.91 17.62 -2.93
N LEU A 398 -7.07 16.33 -3.25
CA LEU A 398 -6.96 15.85 -4.63
C LEU A 398 -8.08 16.39 -5.51
N GLY A 399 -9.30 16.39 -4.97
CA GLY A 399 -10.48 16.80 -5.71
C GLY A 399 -11.01 15.65 -6.51
N GLY A 400 -10.75 15.65 -7.81
CA GLY A 400 -11.29 14.66 -8.72
C GLY A 400 -10.58 13.31 -8.64
N LEU A 401 -11.24 12.33 -8.03
CA LEU A 401 -10.70 10.98 -7.91
C LEU A 401 -11.05 10.13 -9.13
N ASP A 402 -10.21 9.13 -9.38
CA ASP A 402 -10.48 8.11 -10.38
C ASP A 402 -11.87 7.49 -10.16
N THR A 403 -12.71 7.54 -11.18
CA THR A 403 -14.02 6.93 -11.12
C THR A 403 -14.16 5.71 -12.05
N THR A 404 -13.05 5.25 -12.63
N THR A 404 -13.05 5.24 -12.64
CA THR A 404 -13.05 4.04 -13.46
CA THR A 404 -13.13 4.07 -13.51
C THR A 404 -13.78 2.92 -12.73
C THR A 404 -13.77 2.93 -12.75
N GLN A 405 -14.71 2.27 -13.41
CA GLN A 405 -15.61 1.32 -12.77
C GLN A 405 -14.87 0.03 -12.47
N ASN A 406 -15.12 -0.54 -11.29
CA ASN A 406 -14.65 -1.87 -10.95
C ASN A 406 -15.38 -2.97 -11.72
N LEU A 407 -14.92 -4.21 -11.55
CA LEU A 407 -15.58 -5.38 -12.15
C LEU A 407 -16.40 -6.14 -11.10
N LEU A 408 -17.64 -6.51 -11.45
CA LEU A 408 -18.48 -7.39 -10.60
C LEU A 408 -18.86 -8.73 -11.21
N SER A 409 -18.43 -8.99 -12.44
CA SER A 409 -18.70 -10.23 -13.16
C SER A 409 -17.51 -11.23 -13.13
N TYR A 410 -17.72 -12.36 -12.44
CA TYR A 410 -16.69 -13.39 -12.24
C TYR A 410 -17.30 -14.76 -12.54
N PRO A 411 -17.64 -14.98 -13.82
CA PRO A 411 -18.32 -16.23 -14.21
C PRO A 411 -17.49 -17.50 -14.05
N ASN A 412 -16.18 -17.37 -13.86
CA ASN A 412 -15.29 -18.51 -13.66
C ASN A 412 -14.84 -18.62 -12.19
N SER A 413 -15.43 -17.86 -11.27
CA SER A 413 -15.09 -18.02 -9.85
C SER A 413 -15.59 -19.36 -9.36
N LYS A 414 -14.77 -20.00 -8.53
CA LYS A 414 -15.17 -21.27 -7.92
C LYS A 414 -16.15 -21.08 -6.79
N TYR A 415 -16.31 -19.85 -6.31
CA TYR A 415 -17.26 -19.52 -5.26
C TYR A 415 -18.59 -19.08 -5.86
N ASP A 416 -19.63 -19.86 -5.59
CA ASP A 416 -20.96 -19.60 -6.15
C ASP A 416 -21.45 -18.21 -5.82
N ASN A 417 -21.22 -17.77 -4.58
CA ASN A 417 -21.72 -16.44 -4.18
C ASN A 417 -21.02 -15.30 -4.95
N ILE A 418 -19.72 -15.44 -5.20
CA ILE A 418 -18.97 -14.45 -6.00
C ILE A 418 -19.40 -14.51 -7.48
N LYS A 419 -19.47 -15.72 -8.01
CA LYS A 419 -19.99 -15.94 -9.36
C LYS A 419 -21.39 -15.31 -9.57
N ASN A 420 -22.24 -15.37 -8.54
CA ASN A 420 -23.59 -14.78 -8.60
C ASN A 420 -23.65 -13.33 -8.10
N GLY A 421 -22.48 -12.71 -7.87
CA GLY A 421 -22.40 -11.32 -7.45
C GLY A 421 -23.08 -10.98 -6.15
N LEU A 422 -23.13 -11.95 -5.24
CA LEU A 422 -23.88 -11.85 -3.99
C LEU A 422 -25.37 -11.46 -4.16
N ASN A 423 -25.96 -11.84 -5.28
CA ASN A 423 -27.38 -11.61 -5.55
C ASN A 423 -28.14 -12.89 -5.20
ZN ZN B . 6.38 -3.42 3.00
ZN ZN C . -4.32 -10.67 20.28
ZN ZN D . -3.03 -0.75 -17.82
ZN ZN E . -14.77 13.20 -4.49
ZN ZN F . -18.08 -21.66 7.18
ZN ZN G . -5.56 -3.58 -20.85
ZN ZN H . 2.69 -3.59 10.91
C1 EDO I . -3.29 1.15 -6.92
O1 EDO I . -2.07 0.44 -6.71
C2 EDO I . -2.99 2.64 -6.95
O2 EDO I . -2.33 3.08 -5.76
C1 EDO J . 11.77 20.68 28.03
O1 EDO J . 11.43 21.89 27.35
C2 EDO J . 12.96 20.88 28.96
O2 EDO J . 12.82 20.04 30.11
C1 EDO K . -12.47 -0.29 14.08
O1 EDO K . -11.23 -0.45 14.79
C2 EDO K . -12.93 1.16 14.16
O2 EDO K . -12.84 1.80 12.87
C1 EDO L . -20.48 -23.36 2.19
O1 EDO L . -21.50 -22.43 1.82
C2 EDO L . -19.11 -22.70 2.06
O2 EDO L . -18.31 -23.37 1.08
C1 EDO M . -21.95 -7.92 8.51
O1 EDO M . -21.99 -9.25 7.99
C2 EDO M . -20.94 -7.07 7.75
O2 EDO M . -21.14 -7.25 6.33
C1 EDO N . 8.54 -25.09 -11.51
O1 EDO N . 9.29 -24.88 -10.30
C2 EDO N . 7.32 -24.17 -11.63
O2 EDO N . 6.56 -24.06 -10.44
C1 EDO O . 14.93 -9.90 -2.11
O1 EDO O . 15.49 -9.87 -3.43
C2 EDO O . 15.23 -11.22 -1.43
O2 EDO O . 14.45 -11.25 -0.24
C1 EDO P . -20.51 -1.82 -16.92
O1 EDO P . -21.63 -1.27 -16.18
C2 EDO P . -19.48 -0.79 -17.33
O2 EDO P . -19.82 0.60 -17.11
C1 EDO Q . -24.85 -13.47 -1.23
O1 EDO Q . -25.02 -14.81 -0.83
C2 EDO Q . -25.07 -12.52 -0.07
O2 EDO Q . -26.27 -11.77 -0.29
C1 EDO R . -20.72 -23.08 7.50
O1 EDO R . -19.32 -23.37 7.57
C2 EDO R . -21.13 -22.73 6.07
O2 EDO R . -20.06 -22.10 5.36
C1 EDO S . -13.95 7.31 -5.99
O1 EDO S . -14.17 6.50 -7.15
C2 EDO S . -14.26 6.62 -4.66
O2 EDO S . -14.59 5.22 -4.81
C1 EDO T . 11.64 -8.08 -21.48
O1 EDO T . 11.35 -8.88 -22.64
C2 EDO T . 11.77 -6.60 -21.85
O2 EDO T . 10.49 -5.98 -21.99
C1 EDO U . -25.36 -17.05 -4.79
O1 EDO U . -25.54 -18.40 -4.46
C2 EDO U . -25.36 -16.18 -3.56
O2 EDO U . -25.10 -14.84 -3.97
C1 EDO V . 7.96 -15.59 0.43
O1 EDO V . 8.81 -14.78 -0.36
C2 EDO V . 8.60 -15.97 1.75
O2 EDO V . 7.63 -16.55 2.61
C1 EDO W . -25.44 -11.35 3.06
O1 EDO W . -25.25 -12.77 3.22
C2 EDO W . -24.09 -10.68 3.20
O2 EDO W . -24.14 -9.37 3.74
C1 EDO X . 4.73 11.48 25.59
O1 EDO X . 5.28 10.22 26.01
C2 EDO X . 3.20 11.49 25.55
O2 EDO X . 2.76 12.74 25.02
C1 EDO Y . -23.33 -18.44 10.78
O1 EDO Y . -24.26 -19.05 11.67
C2 EDO Y . -21.93 -18.79 11.27
O2 EDO Y . -21.55 -20.10 10.85
C1 EDO Z . -18.43 -20.23 12.37
O1 EDO Z . -18.79 -18.85 12.51
C2 EDO Z . -19.53 -21.14 12.94
O2 EDO Z . -20.51 -20.39 13.68
C1 EDO AA . -21.43 -28.13 -0.92
O1 EDO AA . -20.76 -29.32 -0.49
C2 EDO AA . -21.79 -27.23 0.26
O2 EDO AA . -22.24 -27.97 1.40
C1 EDO BA . -1.68 -9.26 14.87
O1 EDO BA . -1.84 -7.92 15.37
C2 EDO BA . -2.55 -10.20 15.70
O2 EDO BA . -3.72 -9.50 16.13
C ACT CA . 4.34 -1.31 1.86
O ACT CA . 4.88 -2.44 2.02
OXT ACT CA . 4.72 -0.23 2.39
CH3 ACT CA . 3.16 -1.30 0.99
C ACT DA . -3.58 -0.36 21.75
O ACT DA . -4.74 -0.43 22.21
OXT ACT DA . -3.35 0.13 20.63
CH3 ACT DA . -2.43 -0.87 22.57
C ACT EA . -0.44 -1.47 -19.38
O ACT EA . -1.07 -0.99 -18.42
OXT ACT EA . 0.79 -1.26 -19.52
CH3 ACT EA . -1.17 -2.31 -20.39
C ACT FA . -0.29 -3.16 10.43
O ACT FA . -1.50 -3.43 10.25
OXT ACT FA . 0.62 -4.01 10.48
CH3 ACT FA . 0.11 -1.75 10.63
N1 IMD GA . 4.44 -1.68 9.95
C2 IMD GA . 5.28 -0.97 9.18
N3 IMD GA . 4.92 0.34 9.26
C4 IMD GA . 3.85 0.44 10.08
C5 IMD GA . 3.56 -0.84 10.53
#